data_4DHY
#
_entry.id   4DHY
#
_cell.length_a   67.010
_cell.length_b   82.200
_cell.length_c   86.160
_cell.angle_alpha   90.00
_cell.angle_beta   90.00
_cell.angle_gamma   90.00
#
_symmetry.space_group_name_H-M   'P 21 21 21'
#
loop_
_entity.id
_entity.type
_entity.pdbx_description
1 polymer Glucokinase
2 non-polymer alpha-D-glucopyranose
3 non-polymer N,N-dimethyl-5-({2-methyl-6-[(5-methylpyrazin-2-yl)carbamoyl]-1-benzofuran-4-yl}oxy)pyrimidine-2-carboxamide
4 non-polymer 'SODIUM ION'
5 water water
#
_entity_poly.entity_id   1
_entity_poly.type   'polypeptide(L)'
_entity_poly.pdbx_seq_one_letter_code
;MHHHHHHENLYFQGMKKEKVEQILAEFQLQEEDLKKVMRRMQKEMDRGLRLETHEEASVKMLPTYVRSTPEGSEVGDFLS
LDLGGTNFRVMLVKVGEGEEGQWSVKTKHQMYSIPEDAMTGTAEMLFDYISECISDFLDKHQMKHKKLPLGFTFSFPVRH
EDIDKGILLNWTKGFKASGAEGNNVVGLLRDAIKRRGDFEMDVVAMVNDTVATMISCYYEDHQCEVGMIVGTGCNACYME
EMQNVELVEGDEGRMCVNTEWGAFGDSGELDEFLLEYDRLVDESSANPGQQLYEKLIGGKYMGELVRLVLLRLVDENLLF
HGEASEQLRTRGAFETRFVSQVESDTGDRKQIYNILSTLGLRPSTTDCDIVRRACESVSTRAAHMCSAGLAGVINRMRES
RSEDVMRITVGVDGSVYKLHPSFKERFHASVRRLTPSCEITFIESEEGSGRGAALVSAVACKKACMLGQ
;
_entity_poly.pdbx_strand_id   A
#
loop_
_chem_comp.id
_chem_comp.type
_chem_comp.name
_chem_comp.formula
GLC D-saccharide, alpha linking alpha-D-glucopyranose 'C6 H12 O6'
NA non-polymer 'SODIUM ION' 'Na 1'
S41 non-polymer N,N-dimethyl-5-({2-methyl-6-[(5-methylpyrazin-2-yl)carbamoyl]-1-benzofuran-4-yl}oxy)pyrimidine-2-carboxamide 'C22 H20 N6 O4'
#
# COMPACT_ATOMS: atom_id res chain seq x y z
N GLU A 8 -37.79 -19.89 11.47
CA GLU A 8 -36.85 -18.93 12.04
C GLU A 8 -36.15 -19.42 13.34
N ASN A 9 -36.85 -19.38 14.53
CA ASN A 9 -36.39 -19.82 15.86
C ASN A 9 -35.16 -19.03 16.38
N LEU A 10 -35.37 -18.20 17.42
CA LEU A 10 -34.33 -17.35 18.04
C LEU A 10 -33.21 -18.15 18.72
N TYR A 11 -33.51 -19.36 19.22
CA TYR A 11 -32.49 -20.23 19.84
C TYR A 11 -31.57 -20.78 18.75
N PHE A 12 -32.16 -21.15 17.58
CA PHE A 12 -31.38 -21.70 16.49
C PHE A 12 -30.52 -20.70 15.77
N GLN A 13 -31.06 -19.47 15.58
CA GLN A 13 -30.37 -18.33 14.96
CA GLN A 13 -30.31 -18.41 14.91
C GLN A 13 -29.11 -18.01 15.75
N GLY A 14 -29.22 -18.15 17.08
CA GLY A 14 -28.16 -17.89 18.05
C GLY A 14 -27.05 -18.94 18.03
N MET A 15 -27.44 -20.20 17.86
CA MET A 15 -26.54 -21.36 17.81
C MET A 15 -25.67 -21.30 16.57
N LYS A 16 -26.27 -20.76 15.48
CA LYS A 16 -25.66 -20.51 14.17
C LYS A 16 -24.57 -19.44 14.31
N LYS A 17 -24.88 -18.33 15.03
CA LYS A 17 -23.97 -17.18 15.27
C LYS A 17 -22.83 -17.57 16.20
N GLU A 18 -23.08 -18.52 17.10
CA GLU A 18 -22.11 -19.06 18.03
C GLU A 18 -21.09 -19.94 17.25
N LYS A 19 -21.54 -20.70 16.23
CA LYS A 19 -20.63 -21.52 15.40
C LYS A 19 -19.83 -20.64 14.45
N VAL A 20 -20.48 -19.57 13.93
CA VAL A 20 -19.85 -18.56 13.07
C VAL A 20 -18.67 -17.97 13.85
N GLU A 21 -18.91 -17.56 15.10
CA GLU A 21 -17.93 -16.99 16.02
C GLU A 21 -16.75 -17.90 16.28
N GLN A 22 -16.99 -19.22 16.44
CA GLN A 22 -15.95 -20.21 16.68
C GLN A 22 -15.02 -20.28 15.49
N ILE A 23 -15.59 -20.15 14.27
CA ILE A 23 -14.80 -20.15 13.05
C ILE A 23 -14.02 -18.83 12.91
N LEU A 24 -14.70 -17.69 13.19
CA LEU A 24 -14.15 -16.33 13.08
C LEU A 24 -13.05 -16.00 14.10
N ALA A 25 -13.05 -16.73 15.22
CA ALA A 25 -12.07 -16.67 16.31
C ALA A 25 -10.63 -16.90 15.82
N GLU A 26 -10.47 -17.63 14.70
CA GLU A 26 -9.18 -17.94 14.10
C GLU A 26 -8.44 -16.69 13.60
N PHE A 27 -9.20 -15.60 13.31
CA PHE A 27 -8.68 -14.31 12.86
C PHE A 27 -8.04 -13.51 13.99
N GLN A 28 -8.35 -13.85 15.28
CA GLN A 28 -7.84 -13.14 16.47
C GLN A 28 -6.34 -13.13 16.64
N LEU A 29 -5.81 -11.99 17.01
CA LEU A 29 -4.40 -11.78 17.30
C LEU A 29 -4.33 -11.12 18.67
N GLN A 30 -3.65 -11.75 19.61
CA GLN A 30 -3.44 -11.21 20.95
C GLN A 30 -2.31 -10.18 20.87
N GLU A 31 -2.20 -9.33 21.90
CA GLU A 31 -1.18 -8.28 21.96
CA GLU A 31 -1.19 -8.28 21.96
C GLU A 31 0.23 -8.87 21.89
N GLU A 32 0.39 -10.09 22.45
CA GLU A 32 1.65 -10.80 22.46
C GLU A 32 2.02 -11.32 21.06
N ASP A 33 1.02 -11.69 20.26
CA ASP A 33 1.18 -12.11 18.88
C ASP A 33 1.64 -10.91 18.05
N LEU A 34 1.10 -9.72 18.36
CA LEU A 34 1.44 -8.52 17.66
C LEU A 34 2.87 -8.07 17.97
N LYS A 35 3.33 -8.24 19.23
CA LYS A 35 4.69 -7.93 19.68
C LYS A 35 5.69 -8.87 19.03
N LYS A 36 5.28 -10.12 18.81
CA LYS A 36 6.11 -11.14 18.17
C LYS A 36 6.30 -10.74 16.68
N VAL A 37 5.20 -10.42 15.99
CA VAL A 37 5.12 -9.97 14.58
C VAL A 37 5.97 -8.70 14.42
N MET A 38 5.83 -7.76 15.36
CA MET A 38 6.60 -6.53 15.42
C MET A 38 8.12 -6.83 15.55
N ARG A 39 8.52 -7.65 16.55
CA ARG A 39 9.92 -8.02 16.77
C ARG A 39 10.51 -8.74 15.56
N ARG A 40 9.71 -9.60 14.90
CA ARG A 40 10.15 -10.30 13.69
C ARG A 40 10.33 -9.28 12.57
N MET A 41 9.39 -8.28 12.44
CA MET A 41 9.47 -7.23 11.42
CA MET A 41 9.48 -7.23 11.41
C MET A 41 10.77 -6.46 11.61
N GLN A 42 11.05 -6.05 12.87
CA GLN A 42 12.25 -5.31 13.27
C GLN A 42 13.51 -6.08 12.95
N LYS A 43 13.50 -7.41 13.24
CA LYS A 43 14.60 -8.31 12.98
C LYS A 43 14.89 -8.32 11.47
N GLU A 44 13.83 -8.37 10.67
CA GLU A 44 13.91 -8.37 9.23
C GLU A 44 14.36 -7.04 8.64
N MET A 45 14.06 -5.94 9.33
CA MET A 45 14.44 -4.58 8.91
C MET A 45 15.93 -4.39 9.10
N ASP A 46 16.47 -4.92 10.24
CA ASP A 46 17.90 -4.85 10.54
CA ASP A 46 17.89 -4.84 10.54
C ASP A 46 18.66 -5.63 9.48
N ARG A 47 18.14 -6.83 9.14
CA ARG A 47 18.73 -7.71 8.13
C ARG A 47 18.82 -7.08 6.72
N GLY A 48 17.76 -6.42 6.28
CA GLY A 48 17.67 -5.74 4.98
C GLY A 48 18.63 -4.58 4.79
N LEU A 49 18.94 -3.89 5.88
CA LEU A 49 19.81 -2.73 5.92
C LEU A 49 21.31 -3.05 5.85
N ARG A 50 21.70 -4.22 6.36
CA ARG A 50 23.08 -4.71 6.44
C ARG A 50 23.50 -5.42 5.17
N LEU A 51 24.67 -5.07 4.68
CA LEU A 51 25.35 -5.59 3.48
C LEU A 51 25.49 -7.15 3.50
N GLU A 52 25.70 -7.72 4.71
CA GLU A 52 25.89 -9.15 4.92
CA GLU A 52 25.90 -9.15 4.93
C GLU A 52 24.62 -10.01 4.77
N THR A 53 23.44 -9.45 5.06
CA THR A 53 22.17 -10.19 5.01
C THR A 53 21.16 -9.65 3.98
N HIS A 54 21.44 -8.46 3.40
CA HIS A 54 20.55 -7.80 2.46
C HIS A 54 20.00 -8.71 1.35
N GLU A 55 20.87 -9.48 0.68
CA GLU A 55 20.43 -10.35 -0.42
C GLU A 55 19.40 -11.43 -0.04
N GLU A 56 19.45 -11.92 1.21
CA GLU A 56 18.54 -12.94 1.69
C GLU A 56 17.32 -12.38 2.46
N ALA A 57 17.40 -11.10 2.91
CA ALA A 57 16.34 -10.49 3.69
C ALA A 57 15.04 -10.36 2.90
N SER A 58 13.88 -10.68 3.49
CA SER A 58 12.59 -10.58 2.82
C SER A 58 12.11 -9.14 2.79
N VAL A 59 12.44 -8.35 3.83
CA VAL A 59 12.12 -6.92 3.94
C VAL A 59 13.33 -6.19 3.35
N LYS A 60 13.20 -5.73 2.11
CA LYS A 60 14.34 -5.20 1.34
C LYS A 60 15.00 -3.89 1.79
N MET A 61 14.32 -3.09 2.62
CA MET A 61 14.87 -1.85 3.15
C MET A 61 15.65 -1.12 2.07
N LEU A 62 14.97 -0.85 0.95
CA LEU A 62 15.64 -0.27 -0.19
C LEU A 62 15.98 1.22 -0.07
N PRO A 63 17.26 1.60 -0.25
CA PRO A 63 17.62 3.02 -0.23
C PRO A 63 17.00 3.77 -1.43
N THR A 64 16.39 4.93 -1.15
CA THR A 64 15.68 5.72 -2.15
C THR A 64 16.51 6.81 -2.80
N TYR A 65 17.63 7.20 -2.12
CA TYR A 65 18.48 8.32 -2.51
C TYR A 65 17.77 9.66 -2.26
N VAL A 66 16.67 9.63 -1.50
CA VAL A 66 15.98 10.83 -1.07
C VAL A 66 16.60 11.13 0.28
N ARG A 67 17.36 12.21 0.36
CA ARG A 67 18.09 12.58 1.58
C ARG A 67 17.52 13.76 2.32
N SER A 68 17.73 13.78 3.65
CA SER A 68 17.38 14.94 4.47
C SER A 68 18.38 16.00 3.97
N THR A 69 17.85 17.08 3.39
CA THR A 69 18.65 18.14 2.74
C THR A 69 18.41 19.49 3.43
N PRO A 70 19.43 20.39 3.53
CA PRO A 70 19.22 21.70 4.19
C PRO A 70 18.08 22.53 3.58
N GLU A 71 17.81 22.31 2.30
CA GLU A 71 16.75 23.00 1.57
C GLU A 71 17.23 23.32 0.17
N GLY A 72 16.71 24.43 -0.36
CA GLY A 72 17.02 24.88 -1.71
C GLY A 72 16.15 24.20 -2.75
N SER A 73 14.92 24.70 -2.90
CA SER A 73 13.97 24.19 -3.89
C SER A 73 13.94 25.13 -5.09
N GLU A 74 13.82 24.54 -6.29
CA GLU A 74 13.72 25.24 -7.57
C GLU A 74 12.27 25.71 -7.71
N VAL A 75 12.01 26.74 -8.53
CA VAL A 75 10.64 27.23 -8.77
C VAL A 75 10.16 26.92 -10.20
N GLY A 76 8.85 26.95 -10.40
CA GLY A 76 8.24 26.74 -11.71
C GLY A 76 7.27 25.60 -11.80
N ASP A 77 7.10 25.10 -13.04
CA ASP A 77 6.23 24.00 -13.40
C ASP A 77 7.02 22.70 -13.46
N PHE A 78 6.45 21.69 -12.78
CA PHE A 78 6.99 20.34 -12.64
C PHE A 78 5.90 19.35 -13.03
N LEU A 79 6.24 18.34 -13.83
CA LEU A 79 5.28 17.31 -14.19
C LEU A 79 5.47 16.08 -13.31
N SER A 80 4.36 15.46 -12.91
CA SER A 80 4.37 14.31 -12.04
C SER A 80 3.61 13.15 -12.65
N LEU A 81 4.14 11.94 -12.54
CA LEU A 81 3.51 10.72 -13.02
C LEU A 81 3.26 9.82 -11.85
N ASP A 82 2.13 9.12 -11.86
CA ASP A 82 1.78 8.24 -10.76
C ASP A 82 1.30 6.93 -11.33
N LEU A 83 2.11 5.89 -11.15
CA LEU A 83 1.74 4.58 -11.64
C LEU A 83 1.76 3.56 -10.53
N GLY A 84 0.75 2.69 -10.50
CA GLY A 84 0.71 1.54 -9.61
C GLY A 84 -0.41 1.43 -8.61
N GLY A 85 -1.05 2.55 -8.31
CA GLY A 85 -2.16 2.58 -7.38
C GLY A 85 -3.45 2.32 -8.15
N THR A 86 -4.49 3.12 -7.85
CA THR A 86 -5.78 3.01 -8.54
C THR A 86 -5.70 3.92 -9.77
N ASN A 87 -5.33 3.34 -10.97
CA ASN A 87 -5.19 4.00 -12.28
C ASN A 87 -3.83 4.75 -12.46
N PHE A 88 -3.69 5.52 -13.57
CA PHE A 88 -2.48 6.30 -13.90
C PHE A 88 -2.75 7.80 -13.82
N ARG A 89 -1.86 8.54 -13.15
CA ARG A 89 -2.07 9.97 -12.95
C ARG A 89 -0.97 10.87 -13.43
N VAL A 90 -1.38 11.97 -14.08
CA VAL A 90 -0.53 13.02 -14.61
C VAL A 90 -0.94 14.28 -13.86
N MET A 91 0.05 14.98 -13.34
CA MET A 91 -0.17 16.16 -12.57
C MET A 91 0.85 17.22 -12.97
N LEU A 92 0.38 18.46 -13.12
CA LEU A 92 1.20 19.64 -13.34
C LEU A 92 1.25 20.35 -12.00
N VAL A 93 2.47 20.61 -11.49
CA VAL A 93 2.67 21.25 -10.19
C VAL A 93 3.44 22.57 -10.35
N LYS A 94 2.89 23.65 -9.78
CA LYS A 94 3.45 24.99 -9.77
C LYS A 94 4.03 25.28 -8.38
N VAL A 95 5.35 25.46 -8.31
CA VAL A 95 6.13 25.73 -7.09
C VAL A 95 6.61 27.18 -7.21
N GLY A 96 6.33 27.99 -6.18
CA GLY A 96 6.70 29.41 -6.13
C GLY A 96 7.21 29.86 -4.77
N SER A 104 4.74 28.31 -1.85
CA SER A 104 3.48 28.04 -2.54
C SER A 104 3.53 26.93 -3.62
N VAL A 105 2.55 26.00 -3.57
CA VAL A 105 2.36 24.89 -4.51
C VAL A 105 0.91 24.69 -4.90
N LYS A 106 0.63 24.84 -6.19
CA LYS A 106 -0.70 24.64 -6.76
C LYS A 106 -0.68 23.54 -7.84
N THR A 107 -1.77 22.75 -7.94
CA THR A 107 -1.78 21.63 -8.87
C THR A 107 -3.00 21.54 -9.78
N LYS A 108 -2.75 21.02 -10.98
CA LYS A 108 -3.66 20.67 -12.05
C LYS A 108 -3.37 19.17 -12.25
N HIS A 109 -4.41 18.33 -12.39
CA HIS A 109 -4.21 16.88 -12.57
C HIS A 109 -5.29 16.17 -13.38
N GLN A 110 -4.92 15.00 -13.97
CA GLN A 110 -5.82 14.09 -14.68
C GLN A 110 -5.47 12.65 -14.40
N MET A 111 -6.54 11.82 -14.31
CA MET A 111 -6.51 10.37 -14.05
CA MET A 111 -6.44 10.38 -14.09
C MET A 111 -6.90 9.61 -15.33
N TYR A 112 -6.22 8.49 -15.61
CA TYR A 112 -6.43 7.61 -16.76
C TYR A 112 -6.54 6.17 -16.29
N SER A 113 -7.52 5.43 -16.82
CA SER A 113 -7.76 4.04 -16.51
C SER A 113 -6.80 3.21 -17.34
N ILE A 114 -5.94 2.38 -16.66
CA ILE A 114 -4.97 1.57 -17.39
C ILE A 114 -5.68 0.34 -17.96
N PRO A 115 -5.59 0.08 -19.29
CA PRO A 115 -6.22 -1.16 -19.82
C PRO A 115 -5.50 -2.39 -19.27
N GLU A 116 -6.22 -3.54 -19.19
CA GLU A 116 -5.64 -4.79 -18.69
C GLU A 116 -4.53 -5.29 -19.62
N ASP A 117 -4.74 -5.17 -20.94
CA ASP A 117 -3.79 -5.56 -21.99
C ASP A 117 -2.41 -4.87 -21.89
N ALA A 118 -2.33 -3.74 -21.16
CA ALA A 118 -1.11 -2.98 -20.97
C ALA A 118 -0.40 -3.42 -19.69
N MET A 119 -1.19 -3.66 -18.62
CA MET A 119 -0.68 -4.11 -17.33
C MET A 119 -0.25 -5.58 -17.35
N THR A 120 -0.75 -6.36 -18.33
CA THR A 120 -0.49 -7.78 -18.47
C THR A 120 0.14 -8.20 -19.81
N GLY A 121 0.51 -7.22 -20.65
CA GLY A 121 1.19 -7.46 -21.92
C GLY A 121 2.67 -7.22 -21.76
N THR A 122 3.23 -6.34 -22.62
CA THR A 122 4.66 -5.99 -22.61
C THR A 122 4.92 -4.66 -21.89
N ALA A 123 6.17 -4.43 -21.43
CA ALA A 123 6.53 -3.16 -20.80
C ALA A 123 6.34 -2.01 -21.81
N GLU A 124 6.63 -2.31 -23.09
CA GLU A 124 6.52 -1.39 -24.24
C GLU A 124 5.10 -0.87 -24.37
N MET A 125 4.09 -1.78 -24.33
CA MET A 125 2.66 -1.47 -24.37
C MET A 125 2.28 -0.57 -23.17
N LEU A 126 2.77 -0.91 -21.96
CA LEU A 126 2.52 -0.19 -20.71
C LEU A 126 3.08 1.25 -20.78
N PHE A 127 4.38 1.40 -21.12
CA PHE A 127 5.00 2.71 -21.25
C PHE A 127 4.53 3.50 -22.48
N ASP A 128 4.00 2.81 -23.51
CA ASP A 128 3.45 3.45 -24.70
C ASP A 128 2.15 4.15 -24.32
N TYR A 129 1.34 3.44 -23.53
CA TYR A 129 0.07 3.95 -23.06
C TYR A 129 0.33 5.11 -22.09
N ILE A 130 1.32 4.97 -21.20
CA ILE A 130 1.71 6.01 -20.25
C ILE A 130 2.03 7.32 -21.00
N SER A 131 2.81 7.23 -22.11
CA SER A 131 3.26 8.37 -22.92
C SER A 131 2.12 9.01 -23.72
N GLU A 132 1.14 8.17 -24.16
CA GLU A 132 -0.08 8.59 -24.84
C GLU A 132 -0.88 9.51 -23.89
N CYS A 133 -1.04 9.06 -22.61
CA CYS A 133 -1.70 9.81 -21.51
C CYS A 133 -1.00 11.12 -21.23
N ILE A 134 0.35 11.11 -21.12
CA ILE A 134 1.13 12.33 -20.91
C ILE A 134 0.80 13.33 -22.04
N SER A 135 0.85 12.88 -23.32
CA SER A 135 0.52 13.68 -24.50
C SER A 135 -0.86 14.35 -24.40
N ASP A 136 -1.87 13.57 -23.98
CA ASP A 136 -3.27 13.97 -23.80
C ASP A 136 -3.37 15.01 -22.69
N PHE A 137 -2.63 14.83 -21.59
CA PHE A 137 -2.64 15.81 -20.51
C PHE A 137 -2.07 17.15 -20.99
N LEU A 138 -0.98 17.08 -21.74
CA LEU A 138 -0.30 18.25 -22.25
C LEU A 138 -1.11 19.02 -23.27
N ASP A 139 -2.00 18.34 -24.05
CA ASP A 139 -2.86 18.99 -25.05
C ASP A 139 -4.00 19.70 -24.33
N LYS A 140 -4.63 19.00 -23.36
CA LYS A 140 -5.72 19.51 -22.52
C LYS A 140 -5.30 20.73 -21.72
N HIS A 141 -4.00 20.88 -21.44
CA HIS A 141 -3.47 22.03 -20.71
C HIS A 141 -2.62 22.93 -21.63
N GLN A 142 -2.62 22.63 -22.96
CA GLN A 142 -1.90 23.30 -24.04
C GLN A 142 -0.44 23.57 -23.62
N MET A 143 0.38 22.50 -23.61
CA MET A 143 1.80 22.54 -23.18
C MET A 143 2.71 21.39 -23.65
N LYS A 144 2.38 20.70 -24.77
CA LYS A 144 3.24 19.62 -25.28
C LYS A 144 4.55 20.15 -25.90
N HIS A 145 4.78 21.47 -25.76
CA HIS A 145 5.93 22.20 -26.25
C HIS A 145 6.98 22.45 -25.17
N LYS A 146 6.53 22.70 -23.94
CA LYS A 146 7.40 22.95 -22.81
C LYS A 146 8.02 21.64 -22.28
N LYS A 147 9.36 21.61 -22.18
CA LYS A 147 10.11 20.48 -21.65
C LYS A 147 10.25 20.77 -20.16
N LEU A 148 9.56 19.98 -19.32
CA LEU A 148 9.58 20.23 -17.89
C LEU A 148 10.37 19.20 -17.08
N PRO A 149 10.86 19.55 -15.85
CA PRO A 149 11.46 18.52 -15.00
C PRO A 149 10.30 17.61 -14.57
N LEU A 150 10.51 16.28 -14.67
CA LEU A 150 9.50 15.27 -14.39
C LEU A 150 9.91 14.32 -13.26
N GLY A 151 8.99 14.17 -12.31
CA GLY A 151 9.07 13.28 -11.17
C GLY A 151 8.12 12.11 -11.34
N PHE A 152 8.65 10.91 -11.17
CA PHE A 152 7.90 9.68 -11.36
C PHE A 152 7.61 8.87 -10.11
N THR A 153 6.33 8.74 -9.77
CA THR A 153 5.89 7.87 -8.68
C THR A 153 5.61 6.53 -9.27
N PHE A 154 6.41 5.55 -8.86
CA PHE A 154 6.34 4.21 -9.37
C PHE A 154 6.26 3.30 -8.17
N SER A 155 5.06 2.79 -7.90
N SER A 155 5.05 2.85 -7.85
CA SER A 155 4.67 2.00 -6.73
CA SER A 155 4.73 2.05 -6.66
C SER A 155 5.05 0.53 -6.73
C SER A 155 5.06 0.55 -6.70
N PHE A 156 6.35 0.24 -6.92
CA PHE A 156 6.88 -1.12 -7.01
C PHE A 156 8.26 -1.17 -6.41
N PRO A 157 8.78 -2.35 -5.95
CA PRO A 157 10.16 -2.39 -5.40
C PRO A 157 11.20 -2.09 -6.47
N VAL A 158 12.05 -1.11 -6.21
CA VAL A 158 13.12 -0.66 -7.09
C VAL A 158 14.46 -0.60 -6.34
N ARG A 159 15.53 -1.14 -6.95
CA ARG A 159 16.86 -1.08 -6.37
C ARG A 159 17.53 0.11 -7.04
N HIS A 160 17.60 1.23 -6.32
CA HIS A 160 18.16 2.48 -6.85
C HIS A 160 19.65 2.49 -6.89
N GLU A 161 20.17 3.23 -7.86
CA GLU A 161 21.59 3.52 -8.08
C GLU A 161 21.74 5.00 -7.75
N ASP A 162 20.65 5.74 -8.03
CA ASP A 162 20.52 7.16 -7.75
C ASP A 162 19.03 7.53 -7.68
N ILE A 163 18.70 8.81 -7.49
CA ILE A 163 17.31 9.29 -7.42
C ILE A 163 16.53 9.11 -8.74
N ASP A 164 17.25 9.11 -9.87
CA ASP A 164 16.75 9.05 -11.24
C ASP A 164 17.16 7.79 -12.00
N LYS A 165 17.68 6.77 -11.27
CA LYS A 165 18.15 5.52 -11.86
C LYS A 165 17.91 4.37 -10.88
N GLY A 166 17.13 3.39 -11.32
CA GLY A 166 16.78 2.24 -10.52
C GLY A 166 16.07 1.17 -11.29
N ILE A 167 16.35 -0.10 -10.94
CA ILE A 167 15.80 -1.29 -11.60
C ILE A 167 14.60 -1.89 -10.87
N LEU A 168 13.59 -2.36 -11.62
CA LEU A 168 12.41 -3.01 -11.04
C LEU A 168 12.85 -4.41 -10.56
N LEU A 169 12.62 -4.70 -9.28
CA LEU A 169 12.98 -6.02 -8.74
C LEU A 169 11.95 -7.04 -9.18
N ASN A 170 10.68 -6.74 -8.93
CA ASN A 170 9.57 -7.56 -9.37
C ASN A 170 8.29 -6.78 -9.32
N TRP A 171 7.34 -7.16 -10.20
CA TRP A 171 6.01 -6.57 -10.18
C TRP A 171 5.28 -7.06 -8.93
N THR A 172 4.39 -6.24 -8.42
CA THR A 172 3.56 -6.56 -7.27
C THR A 172 2.13 -6.13 -7.62
N LYS A 173 1.14 -6.51 -6.81
CA LYS A 173 -0.29 -6.16 -6.95
C LYS A 173 -0.93 -6.59 -8.27
N GLY A 174 -0.55 -7.76 -8.78
CA GLY A 174 -1.10 -8.26 -10.04
C GLY A 174 -0.49 -7.77 -11.34
N PHE A 175 0.46 -6.81 -11.31
CA PHE A 175 1.12 -6.32 -12.53
C PHE A 175 1.96 -7.44 -13.10
N LYS A 176 1.97 -7.61 -14.45
CA LYS A 176 2.70 -8.71 -15.11
C LYS A 176 3.42 -8.36 -16.43
N ALA A 177 3.62 -7.06 -16.75
CA ALA A 177 4.25 -6.60 -18.00
C ALA A 177 5.65 -7.15 -18.21
N SER A 178 5.86 -7.82 -19.35
CA SER A 178 7.14 -8.43 -19.71
C SER A 178 8.19 -7.38 -20.09
N GLY A 179 9.46 -7.71 -19.93
CA GLY A 179 10.56 -6.82 -20.26
C GLY A 179 10.73 -5.64 -19.32
N ALA A 180 10.25 -5.76 -18.08
CA ALA A 180 10.37 -4.69 -17.09
C ALA A 180 11.32 -5.08 -15.96
N GLU A 181 11.15 -6.28 -15.39
CA GLU A 181 11.99 -6.75 -14.30
C GLU A 181 13.45 -6.82 -14.74
N GLY A 182 14.33 -6.27 -13.92
CA GLY A 182 15.77 -6.25 -14.23
C GLY A 182 16.22 -5.04 -15.00
N ASN A 183 15.28 -4.19 -15.46
CA ASN A 183 15.61 -2.98 -16.22
C ASN A 183 15.35 -1.67 -15.45
N ASN A 184 16.06 -0.59 -15.86
CA ASN A 184 15.92 0.76 -15.33
C ASN A 184 14.58 1.31 -15.84
N VAL A 185 13.68 1.58 -14.86
CA VAL A 185 12.31 2.08 -15.03
C VAL A 185 12.31 3.45 -15.65
N VAL A 186 13.25 4.31 -15.25
CA VAL A 186 13.39 5.66 -15.83
C VAL A 186 13.73 5.50 -17.31
N GLY A 187 14.63 4.55 -17.63
CA GLY A 187 15.01 4.20 -18.99
C GLY A 187 13.82 3.75 -19.83
N LEU A 188 12.95 2.84 -19.29
CA LEU A 188 11.75 2.34 -20.01
C LEU A 188 10.82 3.48 -20.34
N LEU A 189 10.63 4.40 -19.36
CA LEU A 189 9.83 5.61 -19.49
C LEU A 189 10.43 6.52 -20.58
N ARG A 190 11.73 6.89 -20.45
CA ARG A 190 12.46 7.73 -21.40
C ARG A 190 12.42 7.17 -22.82
N ASP A 191 12.56 5.83 -22.95
CA ASP A 191 12.51 5.17 -24.27
C ASP A 191 11.12 5.33 -24.91
N ALA A 192 10.05 5.23 -24.10
CA ALA A 192 8.66 5.31 -24.55
C ALA A 192 8.31 6.70 -25.13
N ILE A 193 8.81 7.74 -24.44
CA ILE A 193 8.68 9.15 -24.79
C ILE A 193 9.39 9.39 -26.14
N LYS A 194 10.59 8.82 -26.33
CA LYS A 194 11.33 8.93 -27.58
C LYS A 194 10.62 8.24 -28.74
N ARG A 195 10.07 7.01 -28.51
CA ARG A 195 9.33 6.30 -29.55
C ARG A 195 8.16 7.15 -30.09
N ARG A 196 7.40 7.76 -29.18
CA ARG A 196 6.26 8.62 -29.50
C ARG A 196 6.69 9.90 -30.23
N GLY A 197 7.75 10.52 -29.72
CA GLY A 197 8.36 11.72 -30.29
C GLY A 197 7.49 12.97 -30.36
N ASP A 198 6.40 13.07 -29.57
CA ASP A 198 5.60 14.28 -29.64
C ASP A 198 5.70 15.25 -28.46
N PHE A 199 6.57 14.92 -27.47
CA PHE A 199 6.90 15.79 -26.33
C PHE A 199 8.29 15.44 -25.78
N GLU A 200 8.85 16.35 -24.96
CA GLU A 200 10.13 16.15 -24.29
C GLU A 200 9.99 16.45 -22.81
N MET A 201 10.57 15.57 -21.98
CA MET A 201 10.53 15.72 -20.53
C MET A 201 11.87 15.31 -20.00
N ASP A 202 12.30 15.95 -18.92
CA ASP A 202 13.54 15.57 -18.26
C ASP A 202 13.21 14.84 -16.96
N VAL A 203 13.36 13.51 -16.96
CA VAL A 203 13.06 12.72 -15.76
C VAL A 203 14.19 12.94 -14.75
N VAL A 204 13.87 13.66 -13.64
CA VAL A 204 14.84 14.02 -12.59
C VAL A 204 14.82 13.11 -11.36
N ALA A 205 13.67 12.48 -11.07
CA ALA A 205 13.48 11.63 -9.89
C ALA A 205 12.41 10.58 -10.07
N MET A 206 12.65 9.40 -9.48
CA MET A 206 11.69 8.30 -9.44
C MET A 206 11.54 7.92 -7.98
N VAL A 207 10.30 8.03 -7.46
CA VAL A 207 10.00 7.75 -6.04
C VAL A 207 8.87 6.73 -5.87
N ASN A 208 8.90 6.01 -4.75
CA ASN A 208 7.86 5.07 -4.39
C ASN A 208 6.70 5.92 -3.86
N ASP A 209 5.46 5.39 -3.88
CA ASP A 209 4.26 6.10 -3.40
C ASP A 209 4.33 6.47 -1.90
N THR A 210 4.99 5.65 -1.09
CA THR A 210 5.21 5.91 0.34
C THR A 210 6.09 7.16 0.50
N VAL A 211 7.07 7.27 -0.39
CA VAL A 211 8.09 8.32 -0.38
C VAL A 211 7.47 9.64 -0.80
N ALA A 212 6.68 9.61 -1.88
CA ALA A 212 5.92 10.75 -2.39
C ALA A 212 4.95 11.28 -1.30
N THR A 213 4.22 10.38 -0.62
CA THR A 213 3.26 10.67 0.46
C THR A 213 3.97 11.32 1.65
N MET A 214 5.12 10.78 2.07
CA MET A 214 5.90 11.34 3.18
C MET A 214 6.30 12.77 2.80
N ILE A 215 6.89 12.97 1.59
CA ILE A 215 7.32 14.28 1.08
C ILE A 215 6.18 15.33 1.01
N SER A 216 5.00 14.98 0.45
CA SER A 216 3.90 15.96 0.36
C SER A 216 3.29 16.30 1.73
N CYS A 217 3.27 15.31 2.64
CA CYS A 217 2.79 15.44 4.00
C CYS A 217 3.78 16.25 4.84
N TYR A 218 5.09 16.10 4.57
CA TYR A 218 6.17 16.87 5.20
C TYR A 218 6.02 18.36 4.85
N TYR A 219 5.61 18.67 3.61
CA TYR A 219 5.40 20.06 3.17
C TYR A 219 4.44 20.81 4.10
N GLU A 220 3.43 20.09 4.65
CA GLU A 220 2.39 20.57 5.56
C GLU A 220 2.82 20.44 7.04
N ASP A 221 3.69 19.48 7.35
CA ASP A 221 4.15 19.22 8.71
C ASP A 221 5.57 18.64 8.66
N HIS A 222 6.57 19.50 8.94
CA HIS A 222 7.99 19.17 8.96
C HIS A 222 8.38 18.04 9.93
N GLN A 223 7.42 17.58 10.77
CA GLN A 223 7.62 16.44 11.67
C GLN A 223 7.42 15.14 10.88
N CYS A 224 6.88 15.24 9.65
CA CYS A 224 6.65 14.03 8.88
C CYS A 224 7.89 13.38 8.29
N GLU A 225 8.26 12.24 8.87
CA GLU A 225 9.44 11.44 8.46
C GLU A 225 9.12 9.96 8.17
N VAL A 226 7.82 9.61 8.09
CA VAL A 226 7.33 8.28 7.78
C VAL A 226 6.20 8.45 6.79
N GLY A 227 6.16 7.59 5.78
CA GLY A 227 5.13 7.54 4.76
C GLY A 227 4.53 6.14 4.80
N MET A 228 3.20 6.03 4.72
CA MET A 228 2.54 4.74 4.77
C MET A 228 1.40 4.63 3.75
N ILE A 229 1.36 3.50 3.06
CA ILE A 229 0.30 3.21 2.08
C ILE A 229 -0.48 1.99 2.53
N VAL A 230 -1.79 2.14 2.63
CA VAL A 230 -2.80 1.11 2.92
C VAL A 230 -3.96 1.34 1.87
N GLY A 231 -3.72 0.90 0.65
CA GLY A 231 -4.69 0.98 -0.43
C GLY A 231 -4.73 -0.39 -1.07
N THR A 232 -4.46 -0.43 -2.39
CA THR A 232 -4.37 -1.68 -3.13
C THR A 232 -3.30 -2.58 -2.48
N GLY A 233 -2.14 -1.99 -2.19
CA GLY A 233 -1.06 -2.64 -1.48
C GLY A 233 -0.85 -2.01 -0.13
N CYS A 234 0.14 -2.52 0.62
CA CYS A 234 0.52 -2.02 1.92
C CYS A 234 2.02 -1.94 1.99
N ASN A 235 2.53 -0.73 2.27
CA ASN A 235 3.97 -0.46 2.37
C ASN A 235 4.27 0.72 3.29
N ALA A 236 5.57 0.91 3.63
CA ALA A 236 6.03 2.03 4.42
C ALA A 236 7.48 2.44 4.16
N CYS A 237 7.75 3.74 4.29
CA CYS A 237 9.09 4.32 4.19
C CYS A 237 9.32 5.17 5.43
N TYR A 238 10.58 5.42 5.79
CA TYR A 238 10.93 6.24 6.94
C TYR A 238 12.33 6.84 6.74
N MET A 239 12.64 7.91 7.50
CA MET A 239 13.96 8.54 7.39
C MET A 239 15.01 7.82 8.26
N GLU A 240 15.88 7.03 7.62
CA GLU A 240 16.91 6.26 8.34
C GLU A 240 18.23 7.04 8.47
N GLU A 241 19.01 6.79 9.53
CA GLU A 241 20.33 7.37 9.77
C GLU A 241 21.23 6.82 8.70
N MET A 242 22.02 7.67 8.03
CA MET A 242 22.93 7.25 6.96
C MET A 242 23.92 6.18 7.39
N GLN A 243 24.32 6.18 8.68
CA GLN A 243 25.25 5.15 9.22
C GLN A 243 24.63 3.76 9.24
N ASN A 244 23.30 3.67 9.25
CA ASN A 244 22.58 2.39 9.28
C ASN A 244 22.29 1.93 7.87
N VAL A 245 22.35 2.84 6.91
CA VAL A 245 22.15 2.51 5.50
C VAL A 245 23.52 2.03 4.97
N GLU A 246 23.83 0.75 5.18
CA GLU A 246 25.10 0.15 4.77
C GLU A 246 25.28 0.09 3.23
N LEU A 247 24.16 0.01 2.50
CA LEU A 247 24.16 -0.08 1.04
C LEU A 247 24.56 1.21 0.33
N VAL A 248 24.67 2.32 1.09
CA VAL A 248 25.08 3.63 0.56
C VAL A 248 26.20 4.16 1.44
N GLU A 249 27.36 4.35 0.83
CA GLU A 249 28.56 4.92 1.44
C GLU A 249 28.24 6.30 1.98
N GLY A 250 28.52 6.49 3.26
CA GLY A 250 28.26 7.73 3.98
C GLY A 250 27.50 7.50 5.26
N ASP A 251 27.82 8.27 6.29
CA ASP A 251 27.18 8.15 7.59
C ASP A 251 26.66 9.48 8.12
N GLU A 252 26.56 10.46 7.24
CA GLU A 252 26.09 11.79 7.59
C GLU A 252 24.67 12.00 7.12
N GLY A 253 23.84 12.49 8.05
CA GLY A 253 22.44 12.80 7.80
C GLY A 253 21.56 11.58 7.70
N ARG A 254 20.43 11.76 7.00
CA ARG A 254 19.43 10.73 6.84
C ARG A 254 19.06 10.49 5.39
N MET A 255 18.61 9.26 5.09
CA MET A 255 18.10 8.84 3.78
C MET A 255 16.80 8.08 3.96
N CYS A 256 15.86 8.35 3.07
CA CYS A 256 14.58 7.67 3.09
C CYS A 256 14.78 6.23 2.62
N VAL A 257 14.21 5.32 3.37
CA VAL A 257 14.36 3.90 3.05
C VAL A 257 12.97 3.37 2.72
N ASN A 258 12.81 2.72 1.56
CA ASN A 258 11.55 2.07 1.20
C ASN A 258 11.62 0.66 1.84
N THR A 259 10.84 0.41 2.91
CA THR A 259 10.89 -0.90 3.57
C THR A 259 10.54 -2.04 2.65
N GLU A 260 9.49 -1.90 1.83
CA GLU A 260 8.92 -2.94 0.98
C GLU A 260 8.47 -4.10 1.89
N TRP A 261 7.80 -3.72 3.00
CA TRP A 261 7.38 -4.60 4.05
C TRP A 261 6.28 -5.57 3.66
N GLY A 262 5.73 -5.37 2.45
CA GLY A 262 4.73 -6.28 1.89
C GLY A 262 5.29 -7.68 1.76
N ALA A 263 6.60 -7.80 1.45
CA ALA A 263 7.33 -9.05 1.32
C ALA A 263 7.71 -9.69 2.65
N PHE A 264 7.34 -9.08 3.78
CA PHE A 264 7.54 -9.69 5.10
C PHE A 264 6.65 -10.97 5.16
N GLY A 265 7.23 -12.06 5.66
CA GLY A 265 6.58 -13.36 5.74
C GLY A 265 6.90 -14.27 4.57
N ASP A 266 7.62 -13.76 3.53
CA ASP A 266 7.96 -14.52 2.31
C ASP A 266 9.02 -15.60 2.52
N SER A 267 9.76 -15.52 3.64
CA SER A 267 10.72 -16.54 4.08
C SER A 267 10.15 -17.36 5.27
N GLY A 268 8.82 -17.33 5.45
CA GLY A 268 8.09 -18.07 6.48
C GLY A 268 7.86 -17.40 7.82
N GLU A 269 8.16 -16.08 7.94
CA GLU A 269 8.07 -15.31 9.19
C GLU A 269 6.68 -15.18 9.80
N LEU A 270 5.60 -15.36 8.98
CA LEU A 270 4.19 -15.25 9.42
C LEU A 270 3.43 -16.57 9.41
N ASP A 271 4.11 -17.69 9.12
CA ASP A 271 3.54 -19.04 8.99
C ASP A 271 2.50 -19.44 10.02
N GLU A 272 2.78 -19.22 11.32
CA GLU A 272 1.82 -19.61 12.36
C GLU A 272 0.53 -18.82 12.32
N PHE A 273 0.52 -17.69 11.63
CA PHE A 273 -0.68 -16.85 11.56
C PHE A 273 -1.45 -17.00 10.24
N LEU A 274 -0.86 -17.67 9.22
CA LEU A 274 -1.53 -17.81 7.92
C LEU A 274 -2.69 -18.82 7.98
N LEU A 275 -3.90 -18.34 7.72
CA LEU A 275 -5.07 -19.21 7.75
C LEU A 275 -5.28 -19.80 6.38
N GLU A 276 -6.22 -20.76 6.26
CA GLU A 276 -6.51 -21.40 4.99
C GLU A 276 -6.88 -20.36 3.91
N TYR A 277 -7.60 -19.28 4.28
CA TYR A 277 -8.06 -18.23 3.33
C TYR A 277 -6.92 -17.49 2.71
N ASP A 278 -5.85 -17.30 3.49
CA ASP A 278 -4.59 -16.66 3.09
C ASP A 278 -3.83 -17.49 2.06
N ARG A 279 -3.81 -18.82 2.21
CA ARG A 279 -3.17 -19.72 1.28
C ARG A 279 -3.91 -19.70 -0.07
N LEU A 280 -5.26 -19.75 -0.04
CA LEU A 280 -6.08 -19.75 -1.26
C LEU A 280 -5.94 -18.44 -2.06
N VAL A 281 -5.93 -17.30 -1.37
CA VAL A 281 -5.77 -15.96 -1.96
C VAL A 281 -4.38 -15.88 -2.63
N ASP A 282 -3.37 -16.43 -1.94
CA ASP A 282 -2.01 -16.46 -2.39
C ASP A 282 -1.87 -17.39 -3.61
N GLU A 283 -2.38 -18.62 -3.49
CA GLU A 283 -2.32 -19.59 -4.57
C GLU A 283 -3.01 -19.13 -5.87
N SER A 284 -4.15 -18.44 -5.74
CA SER A 284 -4.89 -17.89 -6.86
C SER A 284 -4.39 -16.51 -7.31
N SER A 285 -3.33 -15.96 -6.64
CA SER A 285 -2.76 -14.65 -6.99
C SER A 285 -1.77 -14.71 -8.16
N ALA A 286 -1.41 -13.54 -8.74
CA ALA A 286 -0.46 -13.39 -9.83
C ALA A 286 0.99 -13.59 -9.35
N ASN A 287 1.25 -13.40 -8.04
CA ASN A 287 2.58 -13.53 -7.42
C ASN A 287 2.55 -14.52 -6.21
N PRO A 288 2.24 -15.82 -6.42
CA PRO A 288 2.17 -16.75 -5.28
C PRO A 288 3.49 -16.93 -4.54
N GLY A 289 3.41 -16.90 -3.21
CA GLY A 289 4.55 -17.03 -2.32
C GLY A 289 5.23 -15.69 -2.08
N GLN A 290 4.69 -14.61 -2.70
CA GLN A 290 5.20 -13.23 -2.60
C GLN A 290 4.22 -12.28 -1.97
N GLN A 291 4.75 -11.24 -1.29
CA GLN A 291 3.97 -10.18 -0.64
C GLN A 291 2.90 -10.70 0.33
N LEU A 292 3.27 -11.67 1.12
CA LEU A 292 2.39 -12.37 2.06
C LEU A 292 1.80 -11.50 3.21
N TYR A 293 2.56 -10.51 3.71
CA TYR A 293 2.13 -9.61 4.78
C TYR A 293 1.12 -8.60 4.16
N GLU A 294 1.44 -8.11 2.95
CA GLU A 294 0.58 -7.23 2.18
C GLU A 294 -0.74 -7.96 1.92
N LYS A 295 -0.66 -9.28 1.61
CA LYS A 295 -1.84 -10.14 1.39
C LYS A 295 -2.76 -10.22 2.57
N LEU A 296 -2.24 -9.94 3.79
CA LEU A 296 -3.06 -9.89 5.00
C LEU A 296 -3.75 -8.54 5.17
N ILE A 297 -3.31 -7.48 4.48
CA ILE A 297 -3.81 -6.12 4.72
C ILE A 297 -4.41 -5.42 3.49
N GLY A 298 -3.76 -5.57 2.33
CA GLY A 298 -4.08 -4.88 1.10
C GLY A 298 -5.50 -4.97 0.62
N GLY A 299 -5.97 -3.88 0.00
CA GLY A 299 -7.29 -3.77 -0.60
C GLY A 299 -7.50 -4.66 -1.82
N LYS A 300 -6.40 -5.08 -2.48
CA LYS A 300 -6.52 -6.00 -3.60
C LYS A 300 -6.95 -7.43 -3.08
N TYR A 301 -6.77 -7.70 -1.79
CA TYR A 301 -7.03 -9.03 -1.21
C TYR A 301 -8.11 -9.05 -0.17
N MET A 302 -8.36 -7.90 0.52
CA MET A 302 -9.32 -7.84 1.62
C MET A 302 -10.72 -8.42 1.33
N GLY A 303 -11.38 -7.92 0.29
CA GLY A 303 -12.71 -8.43 -0.06
C GLY A 303 -12.70 -9.90 -0.44
N GLU A 304 -11.66 -10.34 -1.19
CA GLU A 304 -11.46 -11.73 -1.60
C GLU A 304 -11.35 -12.63 -0.36
N LEU A 305 -10.63 -12.14 0.69
CA LEU A 305 -10.54 -12.85 1.98
C LEU A 305 -11.95 -13.00 2.59
N VAL A 306 -12.80 -11.94 2.52
CA VAL A 306 -14.17 -12.00 3.05
C VAL A 306 -15.03 -13.00 2.24
N ARG A 307 -14.89 -13.00 0.91
CA ARG A 307 -15.59 -13.91 0.00
C ARG A 307 -15.30 -15.38 0.38
N LEU A 308 -14.02 -15.69 0.66
CA LEU A 308 -13.56 -17.03 1.05
C LEU A 308 -14.14 -17.48 2.37
N VAL A 309 -14.12 -16.60 3.39
CA VAL A 309 -14.76 -16.86 4.72
C VAL A 309 -16.26 -17.14 4.55
N LEU A 310 -16.98 -16.31 3.71
CA LEU A 310 -18.40 -16.50 3.42
C LEU A 310 -18.68 -17.86 2.78
N LEU A 311 -17.80 -18.33 1.85
CA LEU A 311 -17.95 -19.66 1.22
C LEU A 311 -17.79 -20.80 2.24
N ARG A 312 -16.83 -20.65 3.17
CA ARG A 312 -16.62 -21.56 4.29
C ARG A 312 -17.92 -21.67 5.16
N LEU A 313 -18.57 -20.53 5.44
CA LEU A 313 -19.79 -20.49 6.25
C LEU A 313 -21.01 -21.02 5.50
N VAL A 314 -21.02 -20.88 4.17
CA VAL A 314 -22.03 -21.46 3.29
C VAL A 314 -21.83 -23.01 3.36
N ASP A 315 -20.57 -23.49 3.35
CA ASP A 315 -20.27 -24.93 3.41
C ASP A 315 -20.66 -25.60 4.73
N GLU A 316 -20.57 -24.86 5.86
CA GLU A 316 -20.93 -25.38 7.19
C GLU A 316 -22.45 -25.23 7.45
N ASN A 317 -23.21 -24.78 6.44
CA ASN A 317 -24.64 -24.55 6.49
C ASN A 317 -25.05 -23.44 7.49
N LEU A 318 -24.14 -22.46 7.68
CA LEU A 318 -24.34 -21.32 8.60
C LEU A 318 -24.78 -20.01 7.87
N LEU A 319 -24.73 -20.01 6.51
CA LEU A 319 -25.03 -18.82 5.73
C LEU A 319 -25.79 -19.17 4.47
N PHE A 320 -26.80 -18.33 4.13
CA PHE A 320 -27.55 -18.38 2.87
C PHE A 320 -28.21 -19.72 2.54
N HIS A 321 -28.68 -20.44 3.58
CA HIS A 321 -29.28 -21.77 3.46
C HIS A 321 -28.30 -22.80 2.87
N GLY A 322 -26.99 -22.55 3.04
CA GLY A 322 -25.93 -23.41 2.50
C GLY A 322 -25.80 -23.35 0.99
N GLU A 323 -26.31 -22.27 0.38
CA GLU A 323 -26.20 -22.13 -1.07
C GLU A 323 -25.48 -20.84 -1.44
N ALA A 324 -24.46 -20.93 -2.28
CA ALA A 324 -23.74 -19.72 -2.73
C ALA A 324 -24.12 -19.54 -4.17
N SER A 325 -24.34 -18.28 -4.58
CA SER A 325 -24.72 -17.91 -5.94
C SER A 325 -23.50 -17.89 -6.83
N GLU A 326 -23.70 -17.80 -8.16
CA GLU A 326 -22.63 -17.72 -9.14
C GLU A 326 -21.72 -16.54 -8.84
N GLN A 327 -22.34 -15.40 -8.46
CA GLN A 327 -21.60 -14.18 -8.10
C GLN A 327 -20.80 -14.37 -6.81
N LEU A 328 -21.33 -15.13 -5.82
CA LEU A 328 -20.57 -15.39 -4.58
C LEU A 328 -19.38 -16.33 -4.83
N ARG A 329 -19.46 -17.12 -5.91
CA ARG A 329 -18.38 -18.02 -6.29
C ARG A 329 -17.52 -17.48 -7.42
N THR A 330 -17.59 -16.17 -7.65
CA THR A 330 -16.85 -15.46 -8.67
C THR A 330 -15.66 -14.78 -8.02
N ARG A 331 -14.51 -14.90 -8.65
CA ARG A 331 -13.27 -14.32 -8.14
C ARG A 331 -13.34 -12.81 -8.18
N GLY A 332 -13.03 -12.19 -7.04
CA GLY A 332 -13.04 -10.75 -6.85
C GLY A 332 -14.42 -10.13 -6.78
N ALA A 333 -15.50 -10.95 -6.66
CA ALA A 333 -16.89 -10.46 -6.63
C ALA A 333 -17.25 -9.74 -5.36
N PHE A 334 -16.68 -10.16 -4.23
CA PHE A 334 -16.92 -9.41 -3.00
C PHE A 334 -15.76 -8.39 -2.98
N GLU A 335 -16.03 -7.18 -3.46
CA GLU A 335 -15.07 -6.08 -3.54
C GLU A 335 -14.72 -5.57 -2.14
N THR A 336 -13.50 -5.02 -1.97
CA THR A 336 -13.02 -4.44 -0.73
C THR A 336 -13.92 -3.28 -0.30
N ARG A 337 -14.44 -2.47 -1.26
CA ARG A 337 -15.35 -1.39 -0.94
C ARG A 337 -16.62 -1.91 -0.21
N PHE A 338 -17.06 -3.17 -0.50
CA PHE A 338 -18.22 -3.82 0.16
C PHE A 338 -17.92 -4.13 1.61
N VAL A 339 -16.65 -4.41 1.95
CA VAL A 339 -16.22 -4.62 3.33
C VAL A 339 -16.43 -3.30 4.09
N SER A 340 -15.90 -2.18 3.51
CA SER A 340 -16.03 -0.80 4.01
C SER A 340 -17.51 -0.44 4.13
N GLN A 341 -18.30 -0.67 3.06
CA GLN A 341 -19.74 -0.41 3.04
C GLN A 341 -20.56 -1.26 4.01
N VAL A 342 -20.21 -2.56 4.20
CA VAL A 342 -20.91 -3.44 5.15
C VAL A 342 -20.70 -2.93 6.59
N GLU A 343 -19.49 -2.44 6.85
CA GLU A 343 -19.12 -1.92 8.16
C GLU A 343 -19.65 -0.53 8.41
N SER A 344 -20.13 0.16 7.35
CA SER A 344 -20.75 1.50 7.40
C SER A 344 -22.18 1.39 7.89
N ASP A 345 -22.81 0.24 7.64
CA ASP A 345 -24.20 -0.07 7.96
C ASP A 345 -24.62 0.38 9.37
N THR A 346 -25.70 1.15 9.45
CA THR A 346 -26.17 1.78 10.69
C THR A 346 -26.84 0.89 11.73
N GLY A 347 -27.15 -0.36 11.36
CA GLY A 347 -27.81 -1.33 12.24
C GLY A 347 -29.13 -1.81 11.68
N ASP A 348 -29.67 -1.07 10.67
CA ASP A 348 -30.93 -1.42 10.00
C ASP A 348 -30.73 -2.58 9.05
N ARG A 349 -29.46 -2.79 8.57
CA ARG A 349 -29.00 -3.86 7.68
C ARG A 349 -29.26 -3.60 6.19
N LYS A 350 -29.81 -2.44 5.87
CA LYS A 350 -30.12 -2.05 4.51
C LYS A 350 -28.93 -2.10 3.57
N GLN A 351 -27.77 -1.54 4.00
CA GLN A 351 -26.56 -1.54 3.19
C GLN A 351 -26.09 -2.97 2.95
N ILE A 352 -26.05 -3.81 4.01
CA ILE A 352 -25.62 -5.21 3.88
C ILE A 352 -26.55 -5.94 2.91
N TYR A 353 -27.86 -5.77 3.10
CA TYR A 353 -28.89 -6.39 2.26
C TYR A 353 -28.70 -6.11 0.75
N ASN A 354 -28.52 -4.84 0.36
CA ASN A 354 -28.37 -4.45 -1.04
C ASN A 354 -27.14 -5.08 -1.69
N ILE A 355 -25.98 -5.07 -0.98
CA ILE A 355 -24.73 -5.69 -1.42
C ILE A 355 -24.99 -7.17 -1.71
N LEU A 356 -25.58 -7.89 -0.75
CA LEU A 356 -25.90 -9.31 -0.90
C LEU A 356 -26.93 -9.63 -2.00
N SER A 357 -28.01 -8.81 -2.14
CA SER A 357 -29.02 -8.93 -3.20
C SER A 357 -28.37 -8.85 -4.59
N THR A 358 -27.45 -7.86 -4.77
CA THR A 358 -26.69 -7.60 -6.00
C THR A 358 -25.72 -8.79 -6.32
N LEU A 359 -25.35 -9.57 -5.28
CA LEU A 359 -24.55 -10.80 -5.41
C LEU A 359 -25.45 -12.05 -5.60
N GLY A 360 -26.73 -11.83 -5.89
CA GLY A 360 -27.73 -12.87 -6.18
C GLY A 360 -28.13 -13.74 -5.01
N LEU A 361 -28.10 -13.17 -3.81
CA LEU A 361 -28.43 -13.88 -2.59
C LEU A 361 -29.73 -13.36 -2.01
N ARG A 362 -30.42 -14.19 -1.22
CA ARG A 362 -31.69 -13.81 -0.59
C ARG A 362 -31.38 -13.76 0.92
N PRO A 363 -30.70 -12.71 1.41
CA PRO A 363 -30.27 -12.77 2.80
C PRO A 363 -31.31 -12.45 3.84
N SER A 364 -31.29 -13.23 4.93
CA SER A 364 -32.08 -13.01 6.11
C SER A 364 -31.30 -11.98 6.93
N THR A 365 -31.91 -11.50 7.99
CA THR A 365 -31.35 -10.56 8.96
C THR A 365 -30.06 -11.19 9.59
N THR A 366 -30.12 -12.50 9.91
CA THR A 366 -29.04 -13.29 10.50
C THR A 366 -27.83 -13.34 9.53
N ASP A 367 -28.08 -13.60 8.22
CA ASP A 367 -27.05 -13.65 7.16
C ASP A 367 -26.33 -12.31 7.11
N CYS A 368 -27.09 -11.19 7.07
CA CYS A 368 -26.56 -9.83 7.10
C CYS A 368 -25.60 -9.62 8.28
N ASP A 369 -26.01 -10.06 9.49
CA ASP A 369 -25.20 -9.94 10.70
C ASP A 369 -23.94 -10.76 10.66
N ILE A 370 -24.02 -11.95 10.05
CA ILE A 370 -22.90 -12.88 9.94
C ILE A 370 -21.86 -12.34 8.97
N VAL A 371 -22.34 -11.69 7.89
CA VAL A 371 -21.52 -11.07 6.85
C VAL A 371 -20.78 -9.88 7.49
N ARG A 372 -21.51 -9.10 8.32
CA ARG A 372 -20.96 -7.99 9.09
C ARG A 372 -19.76 -8.47 9.93
N ARG A 373 -19.93 -9.58 10.64
CA ARG A 373 -18.93 -10.22 11.49
C ARG A 373 -17.69 -10.72 10.74
N ALA A 374 -17.88 -11.37 9.56
CA ALA A 374 -16.76 -11.87 8.75
C ALA A 374 -15.93 -10.68 8.28
N CYS A 375 -16.61 -9.58 7.82
CA CYS A 375 -15.98 -8.35 7.39
C CYS A 375 -15.10 -7.74 8.52
N GLU A 376 -15.65 -7.60 9.77
CA GLU A 376 -14.92 -7.03 10.91
C GLU A 376 -13.73 -7.91 11.30
N SER A 377 -13.89 -9.23 11.24
CA SER A 377 -12.82 -10.16 11.59
C SER A 377 -11.66 -9.96 10.62
N VAL A 378 -11.92 -9.83 9.31
CA VAL A 378 -10.86 -9.63 8.32
C VAL A 378 -10.22 -8.22 8.41
N SER A 379 -11.04 -7.17 8.48
CA SER A 379 -10.52 -5.81 8.57
C SER A 379 -9.80 -5.50 9.88
N THR A 380 -10.28 -6.07 11.02
CA THR A 380 -9.59 -5.91 12.33
C THR A 380 -8.23 -6.65 12.31
N ARG A 381 -8.15 -7.80 11.62
CA ARG A 381 -6.87 -8.49 11.51
C ARG A 381 -5.86 -7.65 10.70
N ALA A 382 -6.33 -7.06 9.59
CA ALA A 382 -5.53 -6.21 8.69
C ALA A 382 -4.98 -5.01 9.47
N ALA A 383 -5.85 -4.34 10.28
CA ALA A 383 -5.50 -3.20 11.13
C ALA A 383 -4.45 -3.56 12.16
N HIS A 384 -4.57 -4.74 12.75
CA HIS A 384 -3.64 -5.24 13.77
C HIS A 384 -2.30 -5.68 13.21
N MET A 385 -2.30 -6.40 12.09
CA MET A 385 -1.05 -6.78 11.42
C MET A 385 -0.32 -5.55 10.96
N CYS A 386 -1.05 -4.57 10.36
CA CYS A 386 -0.47 -3.33 9.88
C CYS A 386 0.17 -2.56 11.04
N SER A 387 -0.50 -2.53 12.25
CA SER A 387 0.01 -1.83 13.45
C SER A 387 1.35 -2.37 13.96
N ALA A 388 1.51 -3.71 13.98
CA ALA A 388 2.77 -4.37 14.38
C ALA A 388 3.96 -3.84 13.51
N GLY A 389 3.73 -3.68 12.20
CA GLY A 389 4.67 -3.12 11.22
C GLY A 389 5.03 -1.68 11.45
N LEU A 390 4.01 -0.79 11.63
CA LEU A 390 4.29 0.63 11.90
C LEU A 390 5.00 0.83 13.22
N ALA A 391 4.59 0.08 14.25
CA ALA A 391 5.18 0.14 15.58
C ALA A 391 6.67 -0.30 15.54
N GLY A 392 7.02 -1.28 14.71
CA GLY A 392 8.39 -1.76 14.57
C GLY A 392 9.33 -0.71 14.00
N VAL A 393 8.85 0.01 12.93
CA VAL A 393 9.50 1.11 12.22
C VAL A 393 9.68 2.23 13.22
N ILE A 394 8.57 2.67 13.84
CA ILE A 394 8.63 3.74 14.84
C ILE A 394 9.52 3.41 16.04
N ASN A 395 9.45 2.18 16.57
CA ASN A 395 10.27 1.73 17.70
C ASN A 395 11.73 1.75 17.38
N ARG A 396 12.09 1.28 16.16
CA ARG A 396 13.47 1.29 15.63
C ARG A 396 14.01 2.72 15.54
N MET A 397 13.20 3.68 15.05
CA MET A 397 13.59 5.07 14.90
C MET A 397 13.88 5.68 16.25
N ARG A 398 13.00 5.41 17.25
CA ARG A 398 13.18 5.95 18.61
C ARG A 398 14.52 5.47 19.17
N GLU A 399 14.86 4.17 18.94
CA GLU A 399 16.11 3.55 19.36
C GLU A 399 17.31 4.17 18.63
N SER A 400 17.27 4.24 17.29
CA SER A 400 18.35 4.81 16.46
C SER A 400 18.70 6.25 16.83
N ARG A 401 17.67 7.08 17.06
CA ARG A 401 17.81 8.47 17.43
C ARG A 401 18.07 8.64 18.91
N SER A 402 18.01 7.55 19.69
CA SER A 402 18.21 7.52 21.14
C SER A 402 17.36 8.66 21.76
N GLU A 403 16.03 8.54 21.57
CA GLU A 403 15.10 9.54 22.10
C GLU A 403 14.30 8.95 23.23
N ASP A 404 14.17 9.68 24.37
CA ASP A 404 13.38 9.20 25.52
C ASP A 404 11.91 9.09 25.10
N VAL A 405 11.37 10.19 24.55
CA VAL A 405 10.01 10.33 24.03
C VAL A 405 10.14 10.83 22.61
N MET A 406 9.84 9.97 21.61
CA MET A 406 9.91 10.41 20.22
C MET A 406 8.55 10.90 19.67
N ARG A 407 8.58 12.12 19.15
CA ARG A 407 7.42 12.76 18.55
C ARG A 407 7.66 12.71 17.05
N ILE A 408 6.79 12.00 16.35
CA ILE A 408 6.88 11.83 14.89
C ILE A 408 5.49 11.94 14.27
N THR A 409 5.44 12.34 12.99
CA THR A 409 4.25 12.42 12.18
C THR A 409 4.42 11.39 11.06
N VAL A 410 3.31 10.67 10.81
CA VAL A 410 3.21 9.65 9.79
C VAL A 410 2.21 10.17 8.77
N GLY A 411 2.68 10.27 7.53
CA GLY A 411 1.90 10.69 6.38
C GLY A 411 1.34 9.41 5.80
N VAL A 412 0.00 9.32 5.63
CA VAL A 412 -0.68 8.11 5.19
C VAL A 412 -1.58 8.35 3.97
N ASP A 413 -1.52 7.44 2.98
CA ASP A 413 -2.43 7.43 1.84
C ASP A 413 -3.02 6.02 1.59
N GLY A 414 -4.11 5.95 0.83
CA GLY A 414 -4.78 4.70 0.49
C GLY A 414 -6.23 4.56 0.92
N SER A 415 -7.06 3.95 0.05
CA SER A 415 -8.51 3.72 0.25
C SER A 415 -8.90 2.89 1.46
N VAL A 416 -8.04 1.93 1.86
CA VAL A 416 -8.34 1.11 3.05
C VAL A 416 -8.22 1.99 4.31
N TYR A 417 -7.06 2.67 4.50
CA TYR A 417 -6.88 3.56 5.66
C TYR A 417 -7.84 4.76 5.57
N LYS A 418 -8.03 5.31 4.35
CA LYS A 418 -8.88 6.47 4.17
C LYS A 418 -10.38 6.21 4.26
N LEU A 419 -10.90 5.24 3.51
CA LEU A 419 -12.34 5.00 3.38
C LEU A 419 -13.02 3.93 4.22
N HIS A 420 -12.25 2.96 4.79
CA HIS A 420 -12.80 1.92 5.66
C HIS A 420 -13.25 2.60 6.95
N PRO A 421 -14.48 2.31 7.45
CA PRO A 421 -15.02 3.08 8.59
C PRO A 421 -14.40 2.94 9.97
N SER A 422 -13.74 1.82 10.26
CA SER A 422 -13.17 1.58 11.60
C SER A 422 -11.69 1.15 11.59
N PHE A 423 -11.17 0.75 10.41
CA PHE A 423 -9.79 0.33 10.21
C PHE A 423 -8.79 1.28 10.92
N LYS A 424 -8.82 2.57 10.56
CA LYS A 424 -8.01 3.70 11.03
C LYS A 424 -8.02 3.78 12.55
N GLU A 425 -9.19 3.62 13.17
CA GLU A 425 -9.32 3.71 14.63
C GLU A 425 -8.69 2.52 15.35
N ARG A 426 -8.89 1.30 14.80
CA ARG A 426 -8.39 0.04 15.35
C ARG A 426 -6.89 -0.01 15.25
N PHE A 427 -6.38 0.49 14.11
CA PHE A 427 -4.97 0.58 13.77
C PHE A 427 -4.26 1.61 14.66
N HIS A 428 -4.82 2.81 14.84
CA HIS A 428 -4.20 3.84 15.70
C HIS A 428 -4.08 3.35 17.14
N ALA A 429 -5.15 2.76 17.67
CA ALA A 429 -5.21 2.28 19.04
C ALA A 429 -4.16 1.19 19.26
N SER A 430 -4.02 0.28 18.28
CA SER A 430 -3.04 -0.81 18.29
C SER A 430 -1.60 -0.31 18.12
N VAL A 431 -1.34 0.68 17.24
CA VAL A 431 -0.01 1.31 17.12
C VAL A 431 0.34 1.92 18.49
N ARG A 432 -0.59 2.69 19.09
CA ARG A 432 -0.40 3.31 20.40
C ARG A 432 -0.03 2.32 21.51
N ARG A 433 -0.78 1.23 21.64
CA ARG A 433 -0.45 0.21 22.63
C ARG A 433 0.97 -0.34 22.48
N LEU A 434 1.46 -0.47 21.23
CA LEU A 434 2.75 -1.03 20.86
C LEU A 434 3.88 0.01 20.81
N THR A 435 3.54 1.32 20.86
CA THR A 435 4.50 2.42 20.84
C THR A 435 4.54 3.29 22.12
N PRO A 436 4.84 2.72 23.32
CA PRO A 436 4.99 3.58 24.52
C PRO A 436 6.24 4.46 24.38
N SER A 437 6.21 5.67 24.97
CA SER A 437 7.31 6.64 24.82
C SER A 437 7.41 7.21 23.38
N CYS A 438 6.35 7.01 22.59
CA CYS A 438 6.20 7.54 21.24
C CYS A 438 4.93 8.36 21.16
N GLU A 439 5.02 9.54 20.57
CA GLU A 439 3.88 10.42 20.34
C GLU A 439 3.70 10.54 18.83
N ILE A 440 2.73 9.77 18.29
CA ILE A 440 2.49 9.70 16.85
C ILE A 440 1.30 10.51 16.35
N THR A 441 1.57 11.41 15.38
CA THR A 441 0.53 12.19 14.73
C THR A 441 0.33 11.54 13.38
N PHE A 442 -0.91 11.29 13.04
CA PHE A 442 -1.29 10.70 11.78
C PHE A 442 -1.88 11.77 10.89
N ILE A 443 -1.35 11.88 9.65
CA ILE A 443 -1.79 12.86 8.67
C ILE A 443 -2.12 12.20 7.34
N GLU A 444 -3.26 12.60 6.75
CA GLU A 444 -3.76 12.06 5.50
C GLU A 444 -3.34 12.99 4.40
N SER A 445 -2.75 12.43 3.34
CA SER A 445 -2.28 13.24 2.23
C SER A 445 -3.38 13.69 1.30
N GLU A 446 -3.36 14.99 0.96
CA GLU A 446 -4.30 15.58 0.01
C GLU A 446 -3.54 15.59 -1.35
N GLU A 447 -3.84 14.60 -2.20
CA GLU A 447 -3.22 14.31 -3.52
C GLU A 447 -1.74 13.92 -3.36
N GLY A 448 -1.48 13.16 -2.29
CA GLY A 448 -0.18 12.66 -1.87
C GLY A 448 0.91 12.42 -2.88
N SER A 449 0.77 11.33 -3.66
CA SER A 449 1.77 10.91 -4.64
C SER A 449 2.29 11.97 -5.62
N GLY A 450 1.41 12.43 -6.51
CA GLY A 450 1.74 13.43 -7.51
C GLY A 450 2.49 14.64 -6.99
N ARG A 451 1.93 15.28 -5.95
CA ARG A 451 2.52 16.45 -5.32
C ARG A 451 3.93 16.11 -4.82
N GLY A 452 4.05 14.97 -4.12
CA GLY A 452 5.30 14.47 -3.55
C GLY A 452 6.41 14.29 -4.56
N ALA A 453 6.13 13.57 -5.66
CA ALA A 453 7.12 13.33 -6.74
C ALA A 453 7.63 14.66 -7.37
N ALA A 454 6.77 15.70 -7.46
CA ALA A 454 7.18 17.00 -8.02
C ALA A 454 7.99 17.80 -7.00
N LEU A 455 7.65 17.68 -5.70
CA LEU A 455 8.40 18.39 -4.65
C LEU A 455 9.83 17.84 -4.60
N VAL A 456 9.98 16.50 -4.68
CA VAL A 456 11.33 15.87 -4.72
C VAL A 456 12.09 16.37 -5.98
N SER A 457 11.35 16.55 -7.09
CA SER A 457 11.89 17.03 -8.36
C SER A 457 12.41 18.46 -8.27
N ALA A 458 11.67 19.36 -7.58
CA ALA A 458 12.09 20.74 -7.38
C ALA A 458 13.39 20.81 -6.57
N VAL A 459 13.48 19.97 -5.50
CA VAL A 459 14.67 19.86 -4.64
C VAL A 459 15.82 19.25 -5.45
N ALA A 460 15.56 18.15 -6.17
CA ALA A 460 16.54 17.45 -7.00
C ALA A 460 17.04 18.32 -8.17
N CYS A 461 16.16 19.14 -8.81
CA CYS A 461 16.47 19.98 -9.97
C CYS A 461 17.43 21.18 -9.78
N LYS A 462 18.45 21.00 -8.93
CA LYS A 462 19.49 22.00 -8.68
C LYS A 462 20.79 21.55 -9.36
C1 GLC B . 3.26 -2.83 -2.98
C2 GLC B . 4.48 -2.31 -3.73
C3 GLC B . 5.06 -1.08 -3.02
C4 GLC B . 3.98 -0.02 -2.79
C5 GLC B . 2.76 -0.64 -2.09
C6 GLC B . 1.59 0.31 -1.97
O1 GLC B . 3.62 -3.38 -1.71
O2 GLC B . 5.46 -3.33 -3.84
O3 GLC B . 6.12 -0.53 -3.79
O4 GLC B . 4.51 1.05 -2.02
O5 GLC B . 2.29 -1.78 -2.82
O6 GLC B . 1.15 0.80 -3.23
C1 S41 C . 13.05 15.01 2.53
C2 S41 C . 11.86 15.79 2.59
C3 S41 C . 11.47 16.59 1.50
C4 S41 C . 12.23 16.56 0.34
C5 S41 C . 13.43 15.82 0.30
C6 S41 C . 13.83 15.03 1.38
O7 S41 C . 13.18 14.38 3.71
C8 S41 C . 12.12 14.64 4.50
C9 S41 C . 11.29 15.52 3.90
C10 S41 C . 11.92 14.08 5.89
C11 S41 C . 14.20 15.79 -0.95
O12 S41 C . 10.27 17.24 1.55
O13 S41 C . 13.65 16.20 -1.96
N14 S41 C . 15.42 15.24 -0.95
C15 S41 C . 10.05 18.47 1.01
C16 S41 C . 11.08 19.43 0.83
N17 S41 C . 10.79 20.61 0.29
C18 S41 C . 9.54 20.92 -0.02
N19 S41 C . 8.53 20.05 0.16
C20 S41 C . 8.74 18.86 0.68
C21 S41 C . 9.26 22.27 -0.59
N22 S41 C . 9.50 22.53 -1.91
O23 S41 C . 8.79 23.10 0.17
C24 S41 C . 10.04 21.50 -2.80
C25 S41 C . 9.20 23.86 -2.47
C26 S41 C . 16.27 15.05 -2.04
N27 S41 C . 17.40 14.39 -1.76
C28 S41 C . 18.27 14.15 -2.73
C29 S41 C . 18.02 14.57 -4.02
N30 S41 C . 16.89 15.24 -4.32
C31 S41 C . 16.00 15.48 -3.35
C32 S41 C . 19.05 14.24 -5.09
NA NA D . 25.71 4.51 4.94
#